data_9I0U
#
_entry.id   9I0U
#
_cell.length_a   51.9970
_cell.length_b   52.4050
_cell.length_c   112.0220
_cell.angle_alpha   90.00
_cell.angle_beta   90.00
_cell.angle_gamma   90.00
#
_symmetry.space_group_name_H-M   'P 2 21 21'
#
loop_
_entity.id
_entity.type
_entity.pdbx_description
1 polymer 'Programmed cell death 1 ligand 1'
2 non-polymer GLYCEROL
3 non-polymer (5~{S})-5-[[[5-[2-chloranyl-3-[2-chloranyl-3-[6-methoxy-5-[[[(2~{S})-5-oxidanylidenepyrrolidin-2-yl]methylamino]methyl]pyrazin-2-yl]phenyl]phenyl]-3-methoxy-pyrazin-2-yl]methylamino]methyl]pyrrolidin-2-one
4 water water
#
_entity_poly.entity_id   1
_entity_poly.type   'polypeptide(L)'
_entity_poly.pdbx_seq_one_letter_code
;MGSAFTVTVPKDLYVVEYGSNMTIECKFPVEKQLDLAALIVYWEMEDKNIIQFVHGEEDLKVQHSSYRQRARLLKDQLSL
GNAALQITDVKLQDAGVYRCMISYGGADYKRITVKVNAPYAAALEHHHHHH
;
_entity_poly.pdbx_strand_id   A,B
#
# COMPACT_ATOMS: atom_id res chain seq x y z
N ALA A 4 -4.78 -11.90 14.68
CA ALA A 4 -4.11 -10.74 14.01
C ALA A 4 -3.38 -11.19 12.75
N PHE A 5 -3.82 -10.70 11.59
CA PHE A 5 -3.33 -11.24 10.32
C PHE A 5 -2.06 -10.49 9.97
N THR A 6 -0.96 -11.23 9.76
CA THR A 6 0.35 -10.64 9.59
C THR A 6 0.98 -11.29 8.37
N VAL A 7 1.48 -10.44 7.50
CA VAL A 7 2.34 -10.82 6.40
C VAL A 7 3.78 -10.66 6.90
N THR A 8 4.65 -11.61 6.56
CA THR A 8 6.04 -11.57 6.92
C THR A 8 6.91 -11.70 5.65
N VAL A 9 8.16 -11.24 5.74
CA VAL A 9 9.11 -11.46 4.65
C VAL A 9 10.36 -12.14 5.19
N PRO A 10 10.85 -13.22 4.52
CA PRO A 10 12.12 -13.82 4.95
C PRO A 10 13.32 -12.89 4.73
N LYS A 11 13.22 -12.03 3.73
CA LYS A 11 14.25 -11.07 3.37
C LYS A 11 13.57 -9.75 3.03
N ASP A 12 14.03 -8.65 3.62
CA ASP A 12 13.51 -7.37 3.21
C ASP A 12 14.46 -6.69 2.22
N LEU A 13 15.57 -7.35 1.86
CA LEU A 13 16.50 -6.83 0.88
C LEU A 13 16.93 -7.95 -0.04
N TYR A 14 16.93 -7.66 -1.34
CA TYR A 14 17.52 -8.52 -2.35
C TYR A 14 18.51 -7.70 -3.15
N VAL A 15 19.68 -8.31 -3.44
CA VAL A 15 20.67 -7.71 -4.32
C VAL A 15 20.85 -8.64 -5.48
N VAL A 16 20.48 -8.15 -6.67
CA VAL A 16 20.41 -9.02 -7.83
C VAL A 16 21.24 -8.47 -8.97
N GLU A 17 21.72 -9.37 -9.82
CA GLU A 17 22.50 -8.98 -10.98
C GLU A 17 21.59 -8.71 -12.17
N TYR A 18 21.86 -7.62 -12.87
CA TYR A 18 21.24 -7.32 -14.14
C TYR A 18 21.27 -8.55 -15.04
N GLY A 19 20.10 -8.85 -15.62
CA GLY A 19 19.98 -9.98 -16.53
C GLY A 19 19.61 -11.30 -15.85
N SER A 20 19.70 -11.38 -14.52
CA SER A 20 19.32 -12.58 -13.77
C SER A 20 17.79 -12.63 -13.58
N ASN A 21 17.33 -13.73 -12.97
CA ASN A 21 15.95 -13.86 -12.51
C ASN A 21 15.97 -13.68 -11.00
N MET A 22 14.89 -13.11 -10.50
CA MET A 22 14.72 -12.95 -9.07
C MET A 22 13.34 -13.39 -8.63
N THR A 23 13.29 -14.02 -7.46
CA THR A 23 12.03 -14.38 -6.83
C THR A 23 12.02 -13.76 -5.45
N ILE A 24 11.03 -12.88 -5.21
CA ILE A 24 10.88 -12.21 -3.93
C ILE A 24 9.63 -12.77 -3.28
N GLU A 25 9.66 -12.88 -1.96
CA GLU A 25 8.68 -13.68 -1.25
C GLU A 25 8.08 -12.92 -0.08
N CYS A 26 6.80 -13.18 0.07
CA CYS A 26 5.94 -12.73 1.12
C CYS A 26 5.16 -13.92 1.70
N LYS A 27 5.17 -14.10 3.02
CA LYS A 27 4.51 -15.22 3.65
C LYS A 27 3.25 -14.74 4.37
N PHE A 28 2.18 -15.55 4.27
CA PHE A 28 0.92 -15.28 4.94
C PHE A 28 0.44 -16.59 5.53
N PRO A 29 -0.31 -16.56 6.64
CA PRO A 29 -0.75 -17.79 7.29
C PRO A 29 -1.83 -18.55 6.52
N VAL A 30 -1.57 -19.83 6.26
N VAL A 30 -1.59 -19.84 6.26
CA VAL A 30 -2.51 -20.76 5.67
CA VAL A 30 -2.53 -20.75 5.67
C VAL A 30 -2.51 -22.00 6.56
C VAL A 30 -2.52 -22.00 6.54
N GLU A 31 -3.65 -22.29 7.21
CA GLU A 31 -3.77 -23.44 8.09
C GLU A 31 -4.24 -24.66 7.31
N LYS A 32 -3.29 -25.37 6.70
CA LYS A 32 -3.47 -26.72 6.16
C LYS A 32 -4.23 -26.77 4.84
N GLN A 33 -5.16 -25.86 4.55
CA GLN A 33 -5.88 -25.89 3.28
C GLN A 33 -6.20 -24.45 2.87
N LEU A 34 -5.85 -24.11 1.62
CA LEU A 34 -6.06 -22.76 1.13
C LEU A 34 -7.48 -22.58 0.62
N ASP A 35 -8.15 -21.52 1.11
CA ASP A 35 -9.43 -21.07 0.61
C ASP A 35 -9.15 -20.08 -0.52
N LEU A 36 -9.04 -20.60 -1.74
CA LEU A 36 -8.58 -19.80 -2.85
C LEU A 36 -9.53 -18.64 -3.14
N ALA A 37 -10.84 -18.86 -2.93
CA ALA A 37 -11.84 -17.85 -3.17
C ALA A 37 -11.66 -16.60 -2.33
N ALA A 38 -11.11 -16.74 -1.10
CA ALA A 38 -10.90 -15.63 -0.18
C ALA A 38 -9.61 -14.85 -0.46
N LEU A 39 -8.70 -15.38 -1.26
CA LEU A 39 -7.35 -14.83 -1.34
C LEU A 39 -7.25 -13.74 -2.40
N ILE A 40 -6.62 -12.61 -2.01
CA ILE A 40 -6.17 -11.61 -2.95
C ILE A 40 -4.68 -11.38 -2.69
N VAL A 41 -3.90 -11.43 -3.76
CA VAL A 41 -2.48 -11.13 -3.71
C VAL A 41 -2.21 -10.02 -4.73
N TYR A 42 -1.60 -8.94 -4.27
CA TYR A 42 -1.28 -7.81 -5.13
C TYR A 42 0.18 -7.42 -4.89
N TRP A 43 0.93 -7.27 -5.97
CA TRP A 43 2.30 -6.79 -5.90
C TRP A 43 2.41 -5.50 -6.70
N GLU A 44 3.13 -4.53 -6.16
CA GLU A 44 3.39 -3.27 -6.84
C GLU A 44 4.79 -2.82 -6.52
N MET A 45 5.29 -1.92 -7.38
CA MET A 45 6.49 -1.17 -7.07
C MET A 45 6.25 0.22 -7.60
N GLU A 46 6.45 1.24 -6.73
CA GLU A 46 6.28 2.63 -7.10
C GLU A 46 4.89 2.85 -7.71
N ASP A 47 3.87 2.26 -7.10
CA ASP A 47 2.50 2.45 -7.56
C ASP A 47 2.22 1.79 -8.92
N LYS A 48 3.16 1.01 -9.50
CA LYS A 48 2.94 0.26 -10.72
C LYS A 48 2.39 -1.12 -10.36
N ASN A 49 1.32 -1.54 -11.02
CA ASN A 49 0.71 -2.85 -10.82
C ASN A 49 1.62 -3.93 -11.43
N ILE A 50 2.09 -4.87 -10.60
CA ILE A 50 2.87 -5.99 -11.12
C ILE A 50 2.00 -7.25 -11.22
N ILE A 51 1.35 -7.67 -10.12
CA ILE A 51 0.49 -8.85 -10.04
C ILE A 51 -0.82 -8.43 -9.40
N GLN A 52 -1.92 -8.92 -9.94
CA GLN A 52 -3.23 -8.84 -9.31
C GLN A 52 -3.82 -10.26 -9.38
N PHE A 53 -3.83 -10.99 -8.26
CA PHE A 53 -4.32 -12.37 -8.21
C PHE A 53 -5.58 -12.37 -7.34
N VAL A 54 -6.71 -12.64 -7.98
CA VAL A 54 -8.03 -12.55 -7.40
C VAL A 54 -8.88 -13.68 -8.03
N HIS A 55 -9.75 -14.27 -7.22
CA HIS A 55 -10.61 -15.37 -7.65
C HIS A 55 -9.79 -16.52 -8.22
N GLY A 56 -8.61 -16.75 -7.63
CA GLY A 56 -7.81 -17.88 -8.02
C GLY A 56 -7.18 -17.75 -9.40
N GLU A 57 -7.15 -16.55 -10.02
CA GLU A 57 -6.44 -16.35 -11.26
C GLU A 57 -5.72 -15.00 -11.27
N GLU A 58 -4.58 -14.94 -11.99
CA GLU A 58 -3.93 -13.67 -12.33
C GLU A 58 -4.80 -12.88 -13.31
N ASP A 59 -5.04 -11.60 -13.03
CA ASP A 59 -5.65 -10.66 -13.94
C ASP A 59 -4.54 -9.84 -14.58
N LEU A 60 -4.23 -10.14 -15.84
CA LEU A 60 -3.08 -9.54 -16.50
C LEU A 60 -3.43 -8.17 -17.11
N LYS A 61 -4.73 -7.80 -17.17
CA LYS A 61 -5.19 -6.73 -18.03
C LYS A 61 -4.57 -5.38 -17.65
N VAL A 62 -4.35 -5.15 -16.33
CA VAL A 62 -3.90 -3.84 -15.85
C VAL A 62 -2.48 -3.93 -15.29
N GLN A 63 -1.71 -4.96 -15.67
CA GLN A 63 -0.29 -5.04 -15.32
C GLN A 63 0.50 -3.96 -16.08
N HIS A 64 1.42 -3.29 -15.37
CA HIS A 64 2.17 -2.17 -15.93
C HIS A 64 3.05 -2.67 -17.06
N SER A 65 3.21 -1.86 -18.10
CA SER A 65 3.94 -2.28 -19.30
C SER A 65 5.36 -2.75 -19.00
N SER A 66 6.04 -2.15 -17.99
CA SER A 66 7.41 -2.47 -17.62
C SER A 66 7.59 -3.91 -17.15
N TYR A 67 6.51 -4.56 -16.66
CA TYR A 67 6.60 -5.92 -16.12
C TYR A 67 5.99 -6.95 -17.10
N ARG A 68 5.47 -6.53 -18.27
CA ARG A 68 4.65 -7.40 -19.12
C ARG A 68 5.49 -8.56 -19.71
N GLN A 69 4.96 -9.78 -19.56
CA GLN A 69 5.58 -11.04 -19.93
C GLN A 69 6.91 -11.31 -19.19
N ARG A 70 7.19 -10.61 -18.08
CA ARG A 70 8.40 -10.79 -17.28
C ARG A 70 8.08 -11.10 -15.81
N ALA A 71 6.85 -10.91 -15.34
CA ALA A 71 6.53 -11.02 -13.93
C ALA A 71 5.39 -12.02 -13.76
N ARG A 72 5.55 -12.95 -12.83
CA ARG A 72 4.46 -13.84 -12.51
C ARG A 72 4.53 -14.27 -11.06
N LEU A 73 3.36 -14.70 -10.58
CA LEU A 73 3.21 -15.25 -9.28
C LEU A 73 3.41 -16.76 -9.40
N LEU A 74 4.23 -17.35 -8.51
CA LEU A 74 4.42 -18.80 -8.53
C LEU A 74 3.25 -19.45 -7.79
N LYS A 75 2.23 -19.91 -8.51
CA LYS A 75 0.98 -20.34 -7.91
C LYS A 75 1.14 -21.61 -7.05
N ASP A 76 2.18 -22.45 -7.28
CA ASP A 76 2.35 -23.70 -6.56
C ASP A 76 2.89 -23.45 -5.16
N GLN A 77 3.26 -22.20 -4.84
CA GLN A 77 3.70 -21.77 -3.52
C GLN A 77 2.54 -21.29 -2.64
N LEU A 78 1.38 -20.97 -3.22
CA LEU A 78 0.30 -20.35 -2.45
C LEU A 78 -0.26 -21.27 -1.37
N SER A 79 -0.32 -22.59 -1.62
CA SER A 79 -0.82 -23.52 -0.61
C SER A 79 0.08 -23.58 0.63
N LEU A 80 1.34 -23.15 0.50
CA LEU A 80 2.29 -23.11 1.59
C LEU A 80 2.21 -21.75 2.28
N GLY A 81 1.35 -20.85 1.83
CA GLY A 81 1.29 -19.49 2.37
C GLY A 81 2.47 -18.67 1.90
N ASN A 82 2.90 -18.88 0.65
CA ASN A 82 4.02 -18.15 0.08
C ASN A 82 3.53 -17.45 -1.18
N ALA A 83 3.54 -16.11 -1.15
CA ALA A 83 3.28 -15.28 -2.34
C ALA A 83 4.65 -14.90 -2.91
N ALA A 84 5.05 -15.60 -3.94
CA ALA A 84 6.37 -15.49 -4.52
C ALA A 84 6.24 -14.86 -5.89
N LEU A 85 6.86 -13.70 -6.05
CA LEU A 85 6.90 -12.96 -7.31
C LEU A 85 8.21 -13.27 -7.99
N GLN A 86 8.13 -13.81 -9.20
CA GLN A 86 9.30 -14.07 -10.02
C GLN A 86 9.35 -13.05 -11.14
N ILE A 87 10.48 -12.35 -11.25
CA ILE A 87 10.74 -11.43 -12.35
C ILE A 87 11.93 -11.99 -13.13
N THR A 88 11.72 -12.17 -14.43
CA THR A 88 12.75 -12.68 -15.32
C THR A 88 13.47 -11.52 -15.99
N ASP A 89 14.79 -11.70 -16.22
CA ASP A 89 15.63 -10.79 -16.95
C ASP A 89 15.58 -9.40 -16.30
N VAL A 90 16.13 -9.33 -15.09
CA VAL A 90 16.08 -8.14 -14.26
C VAL A 90 16.81 -6.97 -14.95
N LYS A 91 16.17 -5.80 -14.90
CA LYS A 91 16.71 -4.56 -15.46
C LYS A 91 17.01 -3.55 -14.34
N LEU A 92 17.76 -2.49 -14.65
CA LEU A 92 18.04 -1.48 -13.61
C LEU A 92 16.76 -0.79 -13.11
N GLN A 93 15.77 -0.67 -13.99
CA GLN A 93 14.49 -0.05 -13.65
C GLN A 93 13.68 -0.92 -12.68
N ASP A 94 14.07 -2.17 -12.43
CA ASP A 94 13.42 -3.02 -11.43
C ASP A 94 13.93 -2.75 -10.01
N ALA A 95 14.98 -1.94 -9.84
CA ALA A 95 15.42 -1.58 -8.50
C ALA A 95 14.41 -0.63 -7.87
N GLY A 96 14.12 -0.89 -6.60
CA GLY A 96 13.22 -0.07 -5.84
C GLY A 96 12.53 -0.83 -4.73
N VAL A 97 11.46 -0.22 -4.20
CA VAL A 97 10.71 -0.80 -3.10
C VAL A 97 9.46 -1.43 -3.67
N TYR A 98 9.30 -2.73 -3.36
CA TYR A 98 8.15 -3.52 -3.75
C TYR A 98 7.26 -3.64 -2.53
N ARG A 99 5.96 -3.79 -2.77
CA ARG A 99 5.01 -4.10 -1.72
C ARG A 99 4.17 -5.29 -2.16
N CYS A 100 4.02 -6.26 -1.26
CA CYS A 100 3.04 -7.30 -1.40
C CYS A 100 1.89 -7.00 -0.47
N MET A 101 0.67 -6.94 -1.03
CA MET A 101 -0.54 -6.66 -0.28
C MET A 101 -1.37 -7.94 -0.34
N ILE A 102 -1.75 -8.48 0.81
CA ILE A 102 -2.44 -9.74 0.89
C ILE A 102 -3.74 -9.55 1.67
N SER A 103 -4.85 -10.04 1.12
CA SER A 103 -6.11 -10.20 1.83
C SER A 103 -6.42 -11.70 1.89
N TYR A 104 -6.57 -12.21 3.11
CA TYR A 104 -6.89 -13.61 3.35
C TYR A 104 -7.56 -13.65 4.72
N GLY A 105 -8.83 -13.25 4.70
CA GLY A 105 -9.56 -12.86 5.89
C GLY A 105 -9.20 -11.43 6.24
N GLY A 106 -8.10 -11.33 6.98
CA GLY A 106 -7.47 -10.12 7.34
C GLY A 106 -6.70 -9.57 6.15
N ALA A 107 -6.03 -8.45 6.39
CA ALA A 107 -5.26 -7.80 5.35
C ALA A 107 -4.02 -7.18 5.95
N ASP A 108 -2.90 -7.25 5.20
CA ASP A 108 -1.66 -6.63 5.59
C ASP A 108 -0.78 -6.49 4.35
N TYR A 109 0.32 -5.77 4.51
CA TYR A 109 1.33 -5.67 3.46
C TYR A 109 2.71 -5.62 4.08
N LYS A 110 3.70 -5.92 3.22
CA LYS A 110 5.09 -5.73 3.57
C LYS A 110 5.85 -5.09 2.42
N ARG A 111 6.94 -4.44 2.77
CA ARG A 111 7.87 -3.82 1.81
C ARG A 111 9.12 -4.70 1.66
N ILE A 112 9.67 -4.73 0.43
CA ILE A 112 10.92 -5.39 0.12
C ILE A 112 11.73 -4.45 -0.77
N THR A 113 13.00 -4.22 -0.42
CA THR A 113 13.90 -3.42 -1.25
C THR A 113 14.72 -4.31 -2.19
N VAL A 114 14.75 -3.94 -3.47
CA VAL A 114 15.58 -4.62 -4.46
C VAL A 114 16.64 -3.64 -4.95
N LYS A 115 17.91 -4.09 -4.90
CA LYS A 115 19.04 -3.40 -5.51
C LYS A 115 19.51 -4.19 -6.71
N VAL A 116 19.86 -3.48 -7.79
CA VAL A 116 20.30 -4.12 -9.02
C VAL A 116 21.74 -3.67 -9.30
N ASN A 117 22.65 -4.65 -9.36
CA ASN A 117 23.99 -4.45 -9.84
C ASN A 117 24.01 -4.60 -11.34
N ALA A 118 24.73 -3.74 -12.04
CA ALA A 118 24.81 -3.84 -13.50
C ALA A 118 26.16 -3.37 -13.99
N PRO A 119 26.68 -3.97 -15.07
CA PRO A 119 27.91 -3.48 -15.67
C PRO A 119 27.74 -2.14 -16.36
N TYR A 120 28.89 -1.54 -16.69
CA TYR A 120 28.92 -0.23 -17.32
C TYR A 120 27.99 -0.14 -18.53
N ALA A 121 28.06 -1.10 -19.46
CA ALA A 121 27.29 -0.98 -20.70
C ALA A 121 25.80 -0.87 -20.43
N ALA A 122 25.29 -1.69 -19.50
CA ALA A 122 23.88 -1.65 -19.14
C ALA A 122 23.56 -0.33 -18.44
N ALA A 123 24.43 0.09 -17.53
CA ALA A 123 24.22 1.34 -16.78
C ALA A 123 24.23 2.55 -17.71
N LEU A 124 25.10 2.55 -18.74
CA LEU A 124 25.20 3.65 -19.67
C LEU A 124 23.92 3.80 -20.48
N GLU A 125 23.35 2.68 -20.94
CA GLU A 125 22.08 2.69 -21.62
C GLU A 125 21.00 3.28 -20.70
N HIS A 126 20.93 2.82 -19.44
CA HIS A 126 19.95 3.32 -18.48
C HIS A 126 20.13 4.81 -18.20
N HIS A 127 21.40 5.25 -18.12
CA HIS A 127 21.71 6.64 -17.80
C HIS A 127 21.24 7.59 -18.89
N HIS A 128 21.37 7.18 -20.16
CA HIS A 128 20.94 7.98 -21.29
C HIS A 128 19.43 7.88 -21.51
N HIS A 129 18.87 6.66 -21.47
CA HIS A 129 17.50 6.38 -21.91
C HIS A 129 16.77 5.61 -20.80
N ALA B 4 -16.57 -5.77 -9.27
CA ALA B 4 -15.17 -5.34 -9.05
C ALA B 4 -15.11 -4.26 -7.95
N PHE B 5 -14.45 -4.58 -6.83
CA PHE B 5 -14.40 -3.70 -5.69
C PHE B 5 -13.40 -2.58 -5.95
N THR B 6 -13.86 -1.32 -5.90
CA THR B 6 -13.08 -0.18 -6.29
C THR B 6 -13.23 0.89 -5.23
N VAL B 7 -12.12 1.42 -4.79
CA VAL B 7 -12.04 2.59 -3.97
C VAL B 7 -11.83 3.78 -4.90
N THR B 8 -12.52 4.90 -4.62
CA THR B 8 -12.38 6.13 -5.38
C THR B 8 -12.09 7.29 -4.43
N VAL B 9 -11.54 8.37 -4.99
CA VAL B 9 -11.28 9.58 -4.23
C VAL B 9 -11.93 10.75 -4.93
N PRO B 10 -12.71 11.59 -4.21
CA PRO B 10 -13.27 12.78 -4.85
C PRO B 10 -12.20 13.77 -5.29
N LYS B 11 -11.12 13.83 -4.54
CA LYS B 11 -9.97 14.70 -4.80
C LYS B 11 -8.73 13.86 -4.60
N ASP B 12 -7.82 13.92 -5.58
CA ASP B 12 -6.54 13.27 -5.38
C ASP B 12 -5.46 14.28 -4.99
N LEU B 13 -5.84 15.55 -4.82
CA LEU B 13 -4.93 16.59 -4.36
C LEU B 13 -5.65 17.46 -3.33
N TYR B 14 -4.98 17.74 -2.21
CA TYR B 14 -5.41 18.71 -1.22
C TYR B 14 -4.27 19.71 -1.00
N VAL B 15 -4.60 21.00 -0.92
CA VAL B 15 -3.66 22.05 -0.61
C VAL B 15 -4.19 22.71 0.66
N VAL B 16 -3.40 22.61 1.72
N VAL B 16 -3.45 22.57 1.75
CA VAL B 16 -3.82 22.88 3.09
CA VAL B 16 -3.91 22.98 3.05
C VAL B 16 -2.87 23.91 3.71
C VAL B 16 -2.90 23.94 3.68
N GLU B 17 -3.41 24.77 4.58
CA GLU B 17 -2.60 25.73 5.30
C GLU B 17 -2.06 25.11 6.58
N TYR B 18 -0.79 25.34 6.84
CA TYR B 18 -0.18 25.03 8.12
C TYR B 18 -1.06 25.54 9.25
N GLY B 19 -1.31 24.65 10.22
CA GLY B 19 -2.12 24.99 11.38
C GLY B 19 -3.61 24.73 11.23
N SER B 20 -4.08 24.46 10.01
CA SER B 20 -5.49 24.15 9.76
C SER B 20 -5.76 22.68 10.12
N ASN B 21 -7.02 22.29 10.00
CA ASN B 21 -7.42 20.90 10.05
C ASN B 21 -7.75 20.46 8.63
N MET B 22 -7.47 19.19 8.33
CA MET B 22 -7.79 18.64 7.03
C MET B 22 -8.55 17.32 7.19
N THR B 23 -9.50 17.11 6.29
CA THR B 23 -10.21 15.85 6.16
C THR B 23 -10.05 15.37 4.73
N ILE B 24 -9.42 14.20 4.57
CA ILE B 24 -9.18 13.61 3.26
C ILE B 24 -10.04 12.35 3.16
N GLU B 25 -10.56 12.11 1.98
CA GLU B 25 -11.63 11.14 1.81
C GLU B 25 -11.31 10.07 0.78
N CYS B 26 -11.69 8.80 1.09
CA CYS B 26 -11.76 7.66 0.18
C CYS B 26 -13.16 7.09 0.27
N LYS B 27 -13.74 6.77 -0.88
CA LYS B 27 -15.07 6.21 -0.96
C LYS B 27 -14.95 4.74 -1.35
N PHE B 28 -15.82 3.91 -0.76
CA PHE B 28 -15.92 2.50 -1.09
C PHE B 28 -17.40 2.12 -1.13
N PRO B 29 -17.80 1.14 -1.97
CA PRO B 29 -19.20 0.83 -2.13
C PRO B 29 -19.81 0.10 -0.92
N VAL B 30 -20.92 0.67 -0.41
CA VAL B 30 -21.70 0.03 0.63
C VAL B 30 -23.14 -0.03 0.13
N GLU B 31 -23.60 -1.23 -0.20
CA GLU B 31 -24.96 -1.48 -0.66
C GLU B 31 -25.77 -1.86 0.58
N LYS B 32 -26.82 -1.07 0.89
CA LYS B 32 -27.88 -1.44 1.81
C LYS B 32 -27.42 -1.19 3.25
N GLN B 33 -26.54 -2.06 3.79
CA GLN B 33 -26.14 -1.97 5.19
C GLN B 33 -24.67 -2.33 5.34
N LEU B 34 -23.98 -1.67 6.28
CA LEU B 34 -22.55 -1.91 6.48
C LEU B 34 -22.36 -3.11 7.40
N ASP B 35 -21.54 -4.07 6.96
CA ASP B 35 -21.10 -5.20 7.74
C ASP B 35 -19.78 -4.80 8.39
N LEU B 36 -19.87 -4.21 9.59
CA LEU B 36 -18.69 -3.62 10.23
C LEU B 36 -17.65 -4.70 10.53
N ALA B 37 -18.07 -5.92 10.84
CA ALA B 37 -17.15 -7.00 11.16
C ALA B 37 -16.20 -7.32 10.00
N ALA B 38 -16.68 -7.16 8.74
CA ALA B 38 -15.88 -7.46 7.55
C ALA B 38 -14.98 -6.30 7.09
N LEU B 39 -15.13 -5.10 7.65
CA LEU B 39 -14.46 -3.92 7.14
C LEU B 39 -13.08 -3.75 7.77
N ILE B 40 -12.09 -3.44 6.93
CA ILE B 40 -10.79 -2.99 7.40
C ILE B 40 -10.46 -1.68 6.66
N VAL B 41 -10.07 -0.65 7.41
CA VAL B 41 -9.68 0.63 6.86
C VAL B 41 -8.29 0.95 7.40
N TYR B 42 -7.36 1.22 6.48
CA TYR B 42 -6.00 1.55 6.86
C TYR B 42 -5.60 2.82 6.11
N TRP B 43 -4.99 3.76 6.82
CA TRP B 43 -4.42 4.95 6.25
C TRP B 43 -2.95 5.02 6.60
N GLU B 44 -2.12 5.36 5.62
CA GLU B 44 -0.69 5.56 5.82
C GLU B 44 -0.23 6.75 5.00
N MET B 45 0.92 7.28 5.38
CA MET B 45 1.69 8.12 4.50
C MET B 45 3.16 7.81 4.66
N GLU B 46 3.89 7.62 3.55
CA GLU B 46 5.32 7.31 3.61
C GLU B 46 5.62 6.21 4.64
N ASP B 47 4.82 5.14 4.63
CA ASP B 47 5.10 4.03 5.55
C ASP B 47 4.89 4.35 7.05
N LYS B 48 4.30 5.51 7.38
CA LYS B 48 3.83 5.82 8.70
C LYS B 48 2.39 5.32 8.84
N ASN B 49 2.12 4.52 9.87
CA ASN B 49 0.78 4.03 10.18
C ASN B 49 -0.02 5.18 10.77
N ILE B 50 -1.14 5.56 10.16
CA ILE B 50 -1.98 6.63 10.67
C ILE B 50 -3.22 6.03 11.37
N ILE B 51 -4.04 5.27 10.63
CA ILE B 51 -5.26 4.64 11.12
C ILE B 51 -5.20 3.15 10.82
N GLN B 52 -5.55 2.33 11.80
CA GLN B 52 -5.67 0.87 11.61
C GLN B 52 -7.01 0.50 12.24
N PHE B 53 -8.07 0.46 11.42
CA PHE B 53 -9.44 0.19 11.87
C PHE B 53 -9.86 -1.20 11.43
N VAL B 54 -10.04 -2.06 12.43
CA VAL B 54 -10.30 -3.47 12.26
C VAL B 54 -11.23 -3.86 13.43
N HIS B 55 -12.14 -4.76 13.18
CA HIS B 55 -13.08 -5.23 14.21
C HIS B 55 -13.85 -4.05 14.80
N GLY B 56 -14.18 -3.06 13.93
CA GLY B 56 -14.93 -1.89 14.33
C GLY B 56 -14.23 -1.01 15.38
N GLU B 57 -12.89 -1.11 15.52
CA GLU B 57 -12.15 -0.26 16.44
C GLU B 57 -10.76 0.07 15.90
N GLU B 58 -10.29 1.27 16.27
CA GLU B 58 -8.93 1.71 16.03
C GLU B 58 -7.94 0.94 16.92
N ASP B 59 -6.85 0.47 16.32
CA ASP B 59 -5.69 -0.02 17.07
C ASP B 59 -4.63 1.06 17.16
N LEU B 60 -4.52 1.70 18.32
CA LEU B 60 -3.60 2.79 18.51
C LEU B 60 -2.18 2.31 18.80
N LYS B 61 -1.98 1.01 19.11
CA LYS B 61 -0.65 0.56 19.50
C LYS B 61 0.37 0.67 18.37
N VAL B 62 -0.07 0.59 17.11
CA VAL B 62 0.83 0.59 15.95
C VAL B 62 0.83 1.97 15.26
N GLN B 63 0.14 2.99 15.80
CA GLN B 63 0.08 4.29 15.18
C GLN B 63 1.42 5.01 15.35
N HIS B 64 1.85 5.68 14.29
CA HIS B 64 3.05 6.50 14.36
C HIS B 64 2.88 7.64 15.38
N SER B 65 3.94 7.95 16.11
CA SER B 65 3.86 8.84 17.26
C SER B 65 3.44 10.26 16.85
N SER B 66 3.75 10.67 15.62
CA SER B 66 3.45 12.00 15.15
C SER B 66 1.95 12.22 14.93
N TYR B 67 1.15 11.12 14.87
CA TYR B 67 -0.30 11.24 14.68
C TYR B 67 -1.04 11.06 16.03
N ARG B 68 -0.35 10.90 17.21
CA ARG B 68 -0.94 10.67 18.53
C ARG B 68 -1.89 11.79 18.91
N GLN B 69 -3.16 11.43 19.15
N GLN B 69 -3.16 11.42 19.10
CA GLN B 69 -4.23 12.34 19.59
CA GLN B 69 -4.26 12.28 19.52
C GLN B 69 -4.52 13.43 18.55
C GLN B 69 -4.44 13.46 18.56
N ARG B 70 -4.07 13.26 17.27
CA ARG B 70 -4.18 14.27 16.22
C ARG B 70 -4.79 13.72 14.92
N ALA B 71 -5.07 12.43 14.80
CA ALA B 71 -5.63 11.83 13.59
C ALA B 71 -6.79 10.96 14.04
N ARG B 72 -7.88 10.98 13.28
CA ARG B 72 -8.96 10.03 13.53
C ARG B 72 -9.72 9.76 12.25
N LEU B 73 -10.37 8.58 12.23
CA LEU B 73 -11.29 8.17 11.21
C LEU B 73 -12.68 8.59 11.65
N LEU B 74 -13.42 9.26 10.74
CA LEU B 74 -14.78 9.69 11.04
C LEU B 74 -15.72 8.49 10.89
N LYS B 75 -16.06 7.84 12.00
CA LYS B 75 -16.79 6.58 11.96
C LYS B 75 -18.21 6.72 11.42
N ASP B 76 -18.92 7.86 11.64
CA ASP B 76 -20.29 8.05 11.15
C ASP B 76 -20.37 8.03 9.62
N GLN B 77 -19.23 8.37 8.98
CA GLN B 77 -19.12 8.36 7.54
C GLN B 77 -19.04 6.95 6.96
N LEU B 78 -18.60 5.94 7.73
CA LEU B 78 -18.33 4.61 7.19
C LEU B 78 -19.58 3.95 6.66
N SER B 79 -20.76 4.10 7.34
CA SER B 79 -21.96 3.44 6.83
C SER B 79 -22.43 4.05 5.50
N LEU B 80 -21.94 5.26 5.14
CA LEU B 80 -22.19 5.87 3.84
C LEU B 80 -21.11 5.46 2.83
N GLY B 81 -20.16 4.58 3.20
CA GLY B 81 -19.07 4.23 2.33
C GLY B 81 -18.03 5.34 2.16
N ASN B 82 -17.81 6.13 3.21
CA ASN B 82 -16.79 7.19 3.17
C ASN B 82 -15.80 6.92 4.29
N ALA B 83 -14.55 6.66 3.94
CA ALA B 83 -13.43 6.59 4.87
C ALA B 83 -12.74 7.95 4.87
N ALA B 84 -13.04 8.74 5.87
CA ALA B 84 -12.56 10.11 5.96
C ALA B 84 -11.57 10.18 7.12
N LEU B 85 -10.35 10.58 6.78
CA LEU B 85 -9.29 10.82 7.74
C LEU B 85 -9.23 12.29 8.08
N GLN B 86 -9.38 12.61 9.38
CA GLN B 86 -9.24 13.97 9.83
C GLN B 86 -7.91 14.09 10.57
N ILE B 87 -7.06 15.05 10.15
CA ILE B 87 -5.84 15.39 10.83
C ILE B 87 -5.99 16.80 11.37
N THR B 88 -5.74 16.98 12.68
CA THR B 88 -5.84 18.30 13.30
C THR B 88 -4.46 18.94 13.38
N ASP B 89 -4.40 20.26 13.17
CA ASP B 89 -3.21 21.07 13.36
C ASP B 89 -2.12 20.60 12.40
N VAL B 90 -2.38 20.80 11.11
CA VAL B 90 -1.49 20.32 10.07
C VAL B 90 -0.11 20.97 10.17
N LYS B 91 0.93 20.14 10.02
CA LYS B 91 2.31 20.56 10.03
C LYS B 91 2.95 20.32 8.66
N LEU B 92 4.15 20.88 8.40
CA LEU B 92 4.82 20.65 7.12
C LEU B 92 5.16 19.18 6.91
N GLN B 93 5.39 18.43 8.00
CA GLN B 93 5.65 16.99 7.92
C GLN B 93 4.45 16.19 7.42
N ASP B 94 3.25 16.81 7.39
CA ASP B 94 2.05 16.16 6.88
C ASP B 94 1.94 16.22 5.37
N ALA B 95 2.82 16.96 4.68
CA ALA B 95 2.76 17.00 3.23
C ALA B 95 3.36 15.71 2.69
N GLY B 96 2.70 15.15 1.68
CA GLY B 96 3.17 13.94 1.03
C GLY B 96 2.02 13.15 0.44
N VAL B 97 2.31 11.89 0.11
CA VAL B 97 1.34 11.00 -0.50
C VAL B 97 0.78 10.09 0.59
N TYR B 98 -0.54 10.10 0.68
CA TYR B 98 -1.31 9.28 1.59
C TYR B 98 -1.91 8.13 0.79
N ARG B 99 -2.13 7.00 1.44
CA ARG B 99 -2.89 5.92 0.86
C ARG B 99 -3.97 5.50 1.83
N CYS B 100 -5.17 5.31 1.27
CA CYS B 100 -6.22 4.62 1.99
C CYS B 100 -6.37 3.22 1.42
N MET B 101 -6.25 2.21 2.28
CA MET B 101 -6.39 0.81 1.88
C MET B 101 -7.65 0.29 2.56
N ILE B 102 -8.53 -0.32 1.79
CA ILE B 102 -9.83 -0.74 2.28
C ILE B 102 -10.03 -2.21 1.87
N SER B 103 -10.46 -3.03 2.83
CA SER B 103 -10.93 -4.38 2.61
C SER B 103 -12.39 -4.44 3.05
N TYR B 104 -13.26 -4.77 2.09
CA TYR B 104 -14.69 -4.85 2.35
C TYR B 104 -15.22 -5.81 1.30
N GLY B 105 -15.03 -7.10 1.62
CA GLY B 105 -15.07 -8.19 0.67
C GLY B 105 -13.78 -8.20 -0.13
N GLY B 106 -13.80 -7.39 -1.17
CA GLY B 106 -12.67 -7.14 -2.02
C GLY B 106 -11.73 -6.17 -1.34
N ALA B 107 -10.67 -5.82 -2.05
CA ALA B 107 -9.65 -4.94 -1.50
C ALA B 107 -9.13 -4.01 -2.59
N ASP B 108 -8.84 -2.77 -2.21
CA ASP B 108 -8.25 -1.80 -3.13
C ASP B 108 -7.64 -0.68 -2.30
N TYR B 109 -6.88 0.20 -2.98
CA TYR B 109 -6.39 1.39 -2.34
C TYR B 109 -6.35 2.54 -3.35
N LYS B 110 -6.25 3.75 -2.80
CA LYS B 110 -6.00 4.94 -3.60
C LYS B 110 -4.97 5.84 -2.94
N ARG B 111 -4.29 6.62 -3.79
CA ARG B 111 -3.35 7.64 -3.37
C ARG B 111 -3.98 9.03 -3.36
N ILE B 112 -3.59 9.83 -2.37
CA ILE B 112 -3.96 11.24 -2.26
C ILE B 112 -2.72 12.05 -1.95
N THR B 113 -2.48 13.13 -2.72
CA THR B 113 -1.36 14.02 -2.47
C THR B 113 -1.82 15.21 -1.63
N VAL B 114 -1.07 15.52 -0.58
CA VAL B 114 -1.31 16.69 0.24
C VAL B 114 -0.11 17.63 0.16
N LYS B 115 -0.39 18.89 -0.18
CA LYS B 115 0.58 19.98 -0.15
C LYS B 115 0.23 20.89 1.02
N VAL B 116 1.26 21.35 1.74
CA VAL B 116 1.10 22.22 2.89
C VAL B 116 1.80 23.55 2.61
N ASN B 117 0.99 24.62 2.62
CA ASN B 117 1.51 25.98 2.56
C ASN B 117 1.83 26.41 3.99
N ALA B 118 2.95 27.11 4.17
CA ALA B 118 3.32 27.54 5.52
C ALA B 118 4.06 28.86 5.42
N PRO B 119 3.89 29.74 6.42
CA PRO B 119 4.66 30.97 6.44
C PRO B 119 6.13 30.75 6.76
N TYR B 120 6.91 31.80 6.61
CA TYR B 120 8.34 31.75 6.80
C TYR B 120 8.70 31.17 8.16
N ALA B 121 8.09 31.67 9.24
CA ALA B 121 8.48 31.23 10.57
C ALA B 121 8.35 29.72 10.74
N ALA B 122 7.25 29.15 10.26
CA ALA B 122 7.01 27.72 10.36
C ALA B 122 8.00 26.96 9.47
N ALA B 123 8.21 27.47 8.25
CA ALA B 123 9.15 26.84 7.34
C ALA B 123 10.58 26.88 7.88
N LEU B 124 10.98 27.95 8.57
CA LEU B 124 12.33 28.09 9.08
C LEU B 124 12.58 27.07 10.19
N GLU B 125 11.59 26.86 11.07
CA GLU B 125 11.68 25.81 12.08
C GLU B 125 11.84 24.44 11.42
N HIS B 126 11.02 24.15 10.40
CA HIS B 126 11.08 22.87 9.69
C HIS B 126 12.43 22.68 8.96
N HIS B 127 12.96 23.76 8.41
CA HIS B 127 14.20 23.73 7.63
C HIS B 127 15.38 23.38 8.52
N HIS B 128 15.40 23.89 9.76
CA HIS B 128 16.45 23.61 10.73
C HIS B 128 16.27 22.23 11.36
N HIS B 129 15.05 21.92 11.83
CA HIS B 129 14.64 20.67 12.46
C HIS B 129 15.74 20.07 13.36
#